data_8DQJ
#
_entry.id   8DQJ
#
_cell.length_a   110.722
_cell.length_b   110.722
_cell.length_c   114.157
_cell.angle_alpha   90.000
_cell.angle_beta   90.000
_cell.angle_gamma   90.000
#
_symmetry.space_group_name_H-M   'I 4'
#
loop_
_entity.id
_entity.type
_entity.pdbx_description
1 polymer 'AA_TRNA_LIGASE_II domain-containing protein'
2 non-polymer "ADENOSINE-5'-TRIPHOSPHATE"
3 non-polymer '(2~{S})-2-azanyl-3-(9-oxidanylidene-10~{H}-acridin-2-yl)propanoic acid'
4 non-polymer 'MAGNESIUM ION'
5 non-polymer GLYCEROL
6 non-polymer 'ADENOSINE MONOPHOSPHATE'
7 non-polymer DI(HYDROXYETHYL)ETHER
8 water water
#
_entity_poly.entity_id   1
_entity_poly.type   'polypeptide(L)'
_entity_poly.pdbx_seq_one_letter_code
;SGTVKYTDAQIQRLREYGNGTYEQKVFEDLASRDAAFSKEMSVASTDNEKKIKGMIANPSRHGLTQLMNDIADALVAEGF
IEVRTPIFISKDALARMTITEDKPLFKQVFWIDEKRALRPMLAPNLYSVMRDLRDHTDGPVKIFEMGSCFRKESHSGMHL
EEFTMLSLCDMGPRGDATEVLKNYISVVMKAAGLPDYDLVQEESDVYKETIDVEINGQEVCSAAVGPHYLDAAHDVHEPT
SGAGFGLERLLTIREKYSTVKKGGASISYLNGAKIN
;
_entity_poly.pdbx_strand_id   D,A
#
# COMPACT_ATOMS: atom_id res chain seq x y z
N GLY A 2 2.33 25.54 -38.68
CA GLY A 2 3.82 25.64 -38.79
C GLY A 2 4.57 24.43 -38.26
N THR A 3 5.89 24.58 -38.08
CA THR A 3 6.76 23.50 -37.64
C THR A 3 7.34 23.70 -36.25
N VAL A 4 7.18 24.89 -35.66
CA VAL A 4 7.76 25.22 -34.36
C VAL A 4 6.91 24.62 -33.24
N LYS A 5 7.55 23.93 -32.29
CA LYS A 5 6.87 23.33 -31.15
C LYS A 5 7.23 24.09 -29.88
N TYR A 6 6.48 23.84 -28.81
CA TYR A 6 6.96 24.28 -27.49
C TYR A 6 8.32 23.64 -27.27
N THR A 7 9.20 24.37 -26.60
CA THR A 7 10.47 23.78 -26.24
C THR A 7 10.29 22.70 -25.18
N ASP A 8 11.30 21.86 -25.05
CA ASP A 8 11.25 20.82 -24.03
C ASP A 8 11.03 21.43 -22.64
N ALA A 9 11.72 22.54 -22.36
CA ALA A 9 11.59 23.21 -21.08
C ALA A 9 10.20 23.79 -20.92
N GLN A 10 9.63 24.37 -21.98
CA GLN A 10 8.26 24.88 -21.95
C GLN A 10 7.26 23.76 -21.69
N ILE A 11 7.44 22.60 -22.33
CA ILE A 11 6.57 21.45 -22.07
C ILE A 11 6.61 21.08 -20.60
N GLN A 12 7.82 20.97 -20.03
CA GLN A 12 7.93 20.63 -18.61
C GLN A 12 7.24 21.67 -17.74
N ARG A 13 7.41 22.94 -18.06
CA ARG A 13 6.75 23.99 -17.30
C ARG A 13 5.24 23.92 -17.38
N LEU A 14 4.68 23.66 -18.59
CA LEU A 14 3.26 23.56 -18.77
C LEU A 14 2.71 22.37 -18.00
N ARG A 15 3.43 21.26 -18.04
CA ARG A 15 2.92 20.07 -17.38
C ARG A 15 3.00 20.16 -15.87
N GLU A 16 3.75 21.11 -15.31
CA GLU A 16 3.89 21.16 -13.86
C GLU A 16 2.51 21.34 -13.21
N TYR A 17 1.72 22.29 -13.72
CA TYR A 17 0.39 22.59 -13.20
C TYR A 17 -0.72 22.16 -14.14
N GLY A 18 -0.42 21.90 -15.41
CA GLY A 18 -1.43 21.64 -16.42
C GLY A 18 -1.46 20.18 -16.85
N ASN A 19 -2.65 19.72 -17.19
CA ASN A 19 -2.88 18.37 -17.70
C ASN A 19 -3.35 18.38 -19.14
N GLY A 20 -3.05 19.43 -19.90
CA GLY A 20 -3.32 19.45 -21.32
C GLY A 20 -2.35 18.60 -22.10
N THR A 21 -2.48 18.64 -23.42
CA THR A 21 -1.65 17.86 -24.35
C THR A 21 -0.75 18.79 -25.17
N TYR A 22 0.21 19.38 -24.48
CA TYR A 22 0.96 20.49 -25.03
C TYR A 22 1.91 20.09 -26.16
N GLU A 23 2.34 18.84 -26.20
CA GLU A 23 3.30 18.36 -27.18
C GLU A 23 2.73 18.33 -28.58
N GLN A 24 1.41 18.45 -28.72
CA GLN A 24 0.77 18.43 -30.03
C GLN A 24 0.80 19.79 -30.71
N LYS A 25 1.02 20.87 -29.96
CA LYS A 25 0.90 22.19 -30.54
C LYS A 25 2.03 22.49 -31.52
N VAL A 26 1.68 23.13 -32.63
CA VAL A 26 2.65 23.61 -33.59
C VAL A 26 2.38 25.08 -33.87
N PHE A 27 3.45 25.81 -34.17
CA PHE A 27 3.38 27.24 -34.35
C PHE A 27 4.17 27.69 -35.56
N GLU A 28 3.85 28.90 -36.01
CA GLU A 28 4.52 29.44 -37.19
C GLU A 28 5.94 29.88 -36.86
N ASP A 29 6.14 30.43 -35.67
CA ASP A 29 7.42 31.06 -35.34
C ASP A 29 7.56 31.19 -33.84
N LEU A 30 8.73 31.66 -33.41
CA LEU A 30 9.04 31.67 -31.99
C LEU A 30 8.13 32.64 -31.25
N ALA A 31 7.85 33.80 -31.85
CA ALA A 31 6.95 34.76 -31.22
C ALA A 31 5.60 34.15 -30.92
N SER A 32 4.99 33.47 -31.90
CA SER A 32 3.68 32.88 -31.67
CA SER A 32 3.67 32.91 -31.63
C SER A 32 3.74 31.75 -30.66
N ARG A 33 4.82 30.94 -30.70
CA ARG A 33 5.03 29.91 -29.70
C ARG A 33 5.03 30.50 -28.30
N ASP A 34 5.81 31.57 -28.11
CA ASP A 34 6.01 32.14 -26.79
C ASP A 34 4.77 32.84 -26.27
N ALA A 35 4.00 33.46 -27.17
CA ALA A 35 2.74 34.07 -26.79
C ALA A 35 1.75 33.00 -26.33
N ALA A 36 1.68 31.87 -27.06
CA ALA A 36 0.79 30.78 -26.69
C ALA A 36 1.21 30.16 -25.38
N PHE A 37 2.51 30.00 -25.18
CA PHE A 37 3.03 29.47 -23.93
C PHE A 37 2.56 30.31 -22.74
N SER A 38 2.71 31.63 -22.86
CA SER A 38 2.28 32.53 -21.79
CA SER A 38 2.28 32.53 -21.79
C SER A 38 0.80 32.33 -21.48
N LYS A 39 -0.02 32.25 -22.51
CA LYS A 39 -1.46 32.12 -22.28
C LYS A 39 -1.78 30.78 -21.64
N GLU A 40 -1.16 29.70 -22.14
CA GLU A 40 -1.50 28.39 -21.63
CA GLU A 40 -1.47 28.37 -21.65
C GLU A 40 -0.93 28.16 -20.23
N MET A 41 0.22 28.76 -19.88
CA MET A 41 0.69 28.68 -18.50
C MET A 41 -0.33 29.28 -17.54
N SER A 42 -0.92 30.41 -17.90
CA SER A 42 -1.90 31.02 -17.01
CA SER A 42 -1.91 31.03 -17.03
C SER A 42 -3.15 30.15 -16.88
N VAL A 43 -3.63 29.58 -17.98
CA VAL A 43 -4.79 28.70 -17.93
C VAL A 43 -4.50 27.50 -17.03
N ALA A 44 -3.33 26.88 -17.21
CA ALA A 44 -2.99 25.71 -16.42
C ALA A 44 -3.00 26.02 -14.93
N SER A 45 -2.37 27.13 -14.53
CA SER A 45 -2.32 27.44 -13.11
CA SER A 45 -2.29 27.52 -13.12
C SER A 45 -3.70 27.77 -12.56
N THR A 46 -4.53 28.44 -13.35
CA THR A 46 -5.91 28.71 -12.93
C THR A 46 -6.71 27.45 -12.76
N ASP A 47 -6.71 26.57 -13.77
CA ASP A 47 -7.44 25.32 -13.68
C ASP A 47 -6.95 24.51 -12.48
N ASN A 48 -5.64 24.56 -12.21
CA ASN A 48 -5.08 23.78 -11.11
C ASN A 48 -5.62 24.25 -9.78
N GLU A 49 -5.68 25.57 -9.59
CA GLU A 49 -6.19 26.11 -8.34
C GLU A 49 -7.66 25.73 -8.16
N LYS A 50 -8.44 25.75 -9.24
CA LYS A 50 -9.83 25.33 -9.14
C LYS A 50 -9.96 23.90 -8.66
N LYS A 51 -9.11 23.00 -9.18
CA LYS A 51 -9.18 21.60 -8.78
C LYS A 51 -8.83 21.44 -7.31
N ILE A 52 -7.80 22.13 -6.83
CA ILE A 52 -7.47 22.03 -5.42
C ILE A 52 -8.62 22.50 -4.56
N LYS A 53 -9.22 23.65 -4.90
CA LYS A 53 -10.29 24.16 -4.08
C LYS A 53 -11.50 23.22 -4.09
N GLY A 54 -11.74 22.55 -5.20
CA GLY A 54 -12.81 21.58 -5.24
C GLY A 54 -12.55 20.40 -4.32
N MET A 55 -11.30 19.97 -4.25
CA MET A 55 -11.00 18.83 -3.37
C MET A 55 -11.18 19.21 -1.92
N ILE A 56 -10.79 20.43 -1.56
CA ILE A 56 -10.96 20.89 -0.19
C ILE A 56 -12.43 21.02 0.17
N ALA A 57 -13.25 21.51 -0.76
CA ALA A 57 -14.67 21.68 -0.52
C ALA A 57 -15.41 20.35 -0.47
N ASN A 58 -14.86 19.31 -1.07
CA ASN A 58 -15.53 18.02 -1.18
C ASN A 58 -14.52 16.90 -0.90
N PRO A 59 -14.15 16.71 0.36
CA PRO A 59 -13.13 15.70 0.68
C PRO A 59 -13.54 14.31 0.22
N SER A 60 -12.58 13.57 -0.29
CA SER A 60 -12.85 12.27 -0.90
C SER A 60 -11.73 11.31 -0.59
N ARG A 61 -12.01 10.02 -0.79
CA ARG A 61 -10.94 9.03 -0.85
C ARG A 61 -9.98 9.43 -1.95
N HIS A 62 -8.74 9.02 -1.79
CA HIS A 62 -7.71 9.27 -2.78
C HIS A 62 -8.00 8.52 -4.07
N GLY A 63 -7.65 9.13 -5.20
CA GLY A 63 -7.92 8.48 -6.47
C GLY A 63 -7.20 7.15 -6.66
N LEU A 64 -5.98 7.01 -6.12
CA LEU A 64 -5.27 5.75 -6.26
C LEU A 64 -5.90 4.70 -5.38
N THR A 65 -6.29 5.10 -4.17
CA THR A 65 -6.98 4.18 -3.27
C THR A 65 -8.29 3.69 -3.88
N GLN A 66 -9.04 4.61 -4.50
CA GLN A 66 -10.30 4.26 -5.12
C GLN A 66 -10.11 3.27 -6.27
N LEU A 67 -9.09 3.49 -7.12
CA LEU A 67 -8.79 2.56 -8.20
C LEU A 67 -8.42 1.20 -7.65
N MET A 68 -7.61 1.19 -6.61
CA MET A 68 -7.21 -0.08 -5.96
C MET A 68 -8.48 -0.80 -5.48
N ASN A 69 -9.42 -0.10 -4.86
CA ASN A 69 -10.63 -0.76 -4.36
C ASN A 69 -11.52 -1.24 -5.50
N ASP A 70 -11.63 -0.45 -6.57
CA ASP A 70 -12.47 -0.83 -7.70
C ASP A 70 -11.98 -2.15 -8.31
N ILE A 71 -10.67 -2.26 -8.53
CA ILE A 71 -10.15 -3.47 -9.14
C ILE A 71 -10.23 -4.62 -8.16
N ALA A 72 -9.84 -4.38 -6.90
CA ALA A 72 -9.84 -5.46 -5.91
C ALA A 72 -11.22 -6.05 -5.72
N ASP A 73 -12.26 -5.20 -5.66
CA ASP A 73 -13.61 -5.73 -5.48
C ASP A 73 -14.00 -6.60 -6.67
N ALA A 74 -13.58 -6.21 -7.87
CA ALA A 74 -13.89 -7.00 -9.05
C ALA A 74 -13.19 -8.35 -9.00
N LEU A 75 -11.93 -8.38 -8.53
CA LEU A 75 -11.23 -9.66 -8.47
C LEU A 75 -11.78 -10.56 -7.38
N VAL A 76 -12.12 -9.99 -6.22
CA VAL A 76 -12.69 -10.84 -5.17
C VAL A 76 -14.02 -11.44 -5.67
N ALA A 77 -14.78 -10.67 -6.46
CA ALA A 77 -16.04 -11.17 -7.01
C ALA A 77 -15.82 -12.34 -7.95
N GLU A 78 -14.61 -12.46 -8.52
CA GLU A 78 -14.24 -13.57 -9.39
C GLU A 78 -13.60 -14.72 -8.62
N GLY A 79 -13.49 -14.61 -7.30
CA GLY A 79 -12.88 -15.68 -6.50
C GLY A 79 -11.39 -15.58 -6.25
N PHE A 80 -10.79 -14.38 -6.44
CA PHE A 80 -9.41 -14.16 -6.08
C PHE A 80 -9.30 -13.80 -4.59
N ILE A 81 -8.35 -14.41 -3.93
CA ILE A 81 -7.96 -14.05 -2.57
C ILE A 81 -7.04 -12.83 -2.61
N GLU A 82 -7.39 -11.79 -1.86
CA GLU A 82 -6.51 -10.64 -1.68
C GLU A 82 -5.49 -10.98 -0.59
N VAL A 83 -4.21 -10.85 -0.91
CA VAL A 83 -3.14 -11.02 0.06
C VAL A 83 -2.32 -9.74 0.19
N ARG A 84 -1.63 -9.64 1.32
CA ARG A 84 -0.69 -8.57 1.61
C ARG A 84 0.59 -9.23 2.08
N THR A 85 1.70 -8.88 1.47
CA THR A 85 2.99 -9.47 1.78
C THR A 85 3.97 -8.37 2.08
N PRO A 86 5.10 -8.72 2.70
CA PRO A 86 6.04 -7.68 3.13
C PRO A 86 6.70 -6.98 1.94
N ILE A 87 7.02 -5.71 2.18
CA ILE A 87 7.82 -4.98 1.19
C ILE A 87 9.25 -5.51 1.13
N PHE A 88 9.80 -5.95 2.26
CA PHE A 88 11.14 -6.52 2.27
C PHE A 88 11.14 -7.94 1.71
N ILE A 89 12.12 -8.23 0.84
CA ILE A 89 12.35 -9.57 0.35
C ILE A 89 13.84 -9.87 0.39
N SER A 90 14.17 -11.16 0.26
CA SER A 90 15.55 -11.62 0.43
C SER A 90 16.29 -11.61 -0.90
N LYS A 91 17.62 -11.52 -0.79
CA LYS A 91 18.47 -11.67 -1.96
C LYS A 91 18.23 -13.01 -2.64
N ASP A 92 18.02 -14.07 -1.85
CA ASP A 92 17.73 -15.37 -2.45
C ASP A 92 16.43 -15.35 -3.23
N ALA A 93 15.42 -14.68 -2.69
CA ALA A 93 14.16 -14.58 -3.40
C ALA A 93 14.33 -13.91 -4.75
N LEU A 94 15.13 -12.85 -4.79
CA LEU A 94 15.44 -12.22 -6.07
C LEU A 94 16.16 -13.19 -7.00
N ALA A 95 17.11 -13.96 -6.47
CA ALA A 95 17.84 -14.93 -7.29
C ALA A 95 16.89 -15.95 -7.90
N ARG A 96 15.87 -16.37 -7.13
CA ARG A 96 14.91 -17.34 -7.64
C ARG A 96 14.07 -16.79 -8.78
N MET A 97 13.96 -15.46 -8.91
CA MET A 97 13.37 -14.84 -10.07
C MET A 97 14.35 -14.69 -11.22
N THR A 98 15.57 -15.20 -11.09
CA THR A 98 16.73 -15.02 -11.95
C THR A 98 17.23 -13.57 -11.94
N ILE A 99 16.98 -12.83 -10.88
CA ILE A 99 17.50 -11.47 -10.75
C ILE A 99 18.78 -11.58 -9.93
N THR A 100 19.88 -11.85 -10.63
CA THR A 100 21.20 -12.02 -10.04
C THR A 100 22.11 -10.88 -10.48
N GLU A 101 23.34 -10.92 -9.98
CA GLU A 101 24.26 -9.79 -10.11
C GLU A 101 24.36 -9.29 -11.54
N ASP A 102 24.39 -10.20 -12.51
CA ASP A 102 24.63 -9.83 -13.89
C ASP A 102 23.42 -9.24 -14.60
N LYS A 103 22.22 -9.23 -13.95
CA LYS A 103 21.04 -8.84 -14.70
C LYS A 103 20.75 -7.35 -14.55
N PRO A 104 20.21 -6.72 -15.59
CA PRO A 104 19.94 -5.28 -15.51
C PRO A 104 19.03 -4.90 -14.34
N LEU A 105 17.99 -5.70 -14.07
CA LEU A 105 17.06 -5.33 -13.00
C LEU A 105 17.74 -5.36 -11.64
N PHE A 106 18.74 -6.23 -11.48
CA PHE A 106 19.48 -6.28 -10.23
C PHE A 106 20.05 -4.91 -9.89
N LYS A 107 20.56 -4.20 -10.90
CA LYS A 107 21.13 -2.88 -10.67
C LYS A 107 20.07 -1.86 -10.24
N GLN A 108 18.79 -2.17 -10.43
CA GLN A 108 17.69 -1.29 -10.03
C GLN A 108 17.20 -1.52 -8.61
N VAL A 109 17.77 -2.48 -7.89
CA VAL A 109 17.23 -2.89 -6.60
C VAL A 109 17.74 -1.97 -5.49
N PHE A 110 16.82 -1.53 -4.60
CA PHE A 110 17.16 -0.83 -3.36
C PHE A 110 17.46 -1.88 -2.29
N TRP A 111 18.72 -1.94 -1.81
CA TRP A 111 19.08 -2.87 -0.74
C TRP A 111 18.89 -2.19 0.62
N ILE A 112 18.38 -2.96 1.57
CA ILE A 112 18.22 -2.53 2.94
C ILE A 112 19.38 -3.00 3.81
N ASP A 113 19.86 -4.21 3.56
CA ASP A 113 21.13 -4.67 4.14
C ASP A 113 21.76 -5.63 3.13
N GLU A 114 22.72 -6.43 3.59
CA GLU A 114 23.40 -7.29 2.64
C GLU A 114 22.51 -8.44 2.17
N LYS A 115 21.44 -8.77 2.90
CA LYS A 115 20.61 -9.91 2.56
C LYS A 115 19.18 -9.55 2.20
N ARG A 116 18.79 -8.28 2.28
CA ARG A 116 17.39 -7.92 2.11
C ARG A 116 17.27 -6.67 1.25
N ALA A 117 16.18 -6.62 0.48
CA ALA A 117 15.93 -5.53 -0.46
C ALA A 117 14.47 -5.11 -0.40
N LEU A 118 14.21 -3.89 -0.86
CA LEU A 118 12.84 -3.52 -1.19
C LEU A 118 12.39 -4.30 -2.42
N ARG A 119 11.22 -4.90 -2.37
CA ARG A 119 10.77 -5.68 -3.53
C ARG A 119 10.68 -4.79 -4.77
N PRO A 120 11.21 -5.22 -5.91
CA PRO A 120 11.00 -4.49 -7.17
C PRO A 120 9.75 -4.94 -7.93
N MET A 121 9.11 -5.99 -7.44
CA MET A 121 8.01 -6.71 -8.10
C MET A 121 7.34 -7.53 -7.03
N LEU A 122 6.09 -7.89 -7.25
CA LEU A 122 5.34 -8.69 -6.27
C LEU A 122 5.49 -10.19 -6.46
N ALA A 123 6.02 -10.64 -7.59
CA ALA A 123 6.05 -12.08 -7.84
C ALA A 123 6.78 -12.89 -6.78
N PRO A 124 7.93 -12.47 -6.24
CA PRO A 124 8.62 -13.34 -5.29
C PRO A 124 7.71 -13.77 -4.13
N ASN A 125 7.03 -12.83 -3.47
CA ASN A 125 6.20 -13.21 -2.35
C ASN A 125 4.96 -13.96 -2.82
N LEU A 126 4.40 -13.57 -3.96
CA LEU A 126 3.18 -14.22 -4.44
C LEU A 126 3.44 -15.68 -4.82
N TYR A 127 4.62 -15.96 -5.39
CA TYR A 127 4.97 -17.36 -5.67
C TYR A 127 4.95 -18.19 -4.39
N SER A 128 5.54 -17.66 -3.33
CA SER A 128 5.60 -18.38 -2.06
C SER A 128 4.19 -18.65 -1.53
N VAL A 129 3.36 -17.61 -1.51
CA VAL A 129 2.02 -17.74 -0.94
C VAL A 129 1.16 -18.68 -1.78
N MET A 130 1.19 -18.51 -3.10
CA MET A 130 0.39 -19.38 -3.96
C MET A 130 0.81 -20.84 -3.79
N ARG A 131 2.11 -21.10 -3.72
CA ARG A 131 2.57 -22.48 -3.55
C ARG A 131 2.06 -23.06 -2.23
N ASP A 132 2.07 -22.26 -1.16
CA ASP A 132 1.61 -22.78 0.12
C ASP A 132 0.10 -22.98 0.11
N LEU A 133 -0.65 -22.12 -0.59
CA LEU A 133 -2.10 -22.31 -0.65
C LEU A 133 -2.46 -23.58 -1.42
N ARG A 134 -1.67 -23.97 -2.43
CA ARG A 134 -1.89 -25.23 -3.14
C ARG A 134 -1.87 -26.42 -2.19
N ASP A 135 -1.16 -26.30 -1.06
CA ASP A 135 -1.14 -27.39 -0.09
C ASP A 135 -2.51 -27.63 0.53
N HIS A 136 -3.44 -26.72 0.36
CA HIS A 136 -4.72 -26.72 1.07
C HIS A 136 -5.92 -26.91 0.16
N THR A 137 -5.70 -27.13 -1.14
CA THR A 137 -6.82 -27.31 -2.04
C THR A 137 -6.33 -28.05 -3.28
N ASP A 138 -7.22 -28.83 -3.88
CA ASP A 138 -6.98 -29.40 -5.19
C ASP A 138 -7.42 -28.52 -6.34
N GLY A 139 -8.17 -27.46 -6.07
CA GLY A 139 -8.70 -26.61 -7.12
C GLY A 139 -7.81 -25.45 -7.46
N PRO A 140 -8.30 -24.56 -8.33
CA PRO A 140 -7.50 -23.39 -8.70
C PRO A 140 -7.13 -22.56 -7.48
N VAL A 141 -5.92 -22.02 -7.52
CA VAL A 141 -5.44 -21.06 -6.52
C VAL A 141 -5.35 -19.72 -7.23
N LYS A 142 -6.12 -18.74 -6.77
CA LYS A 142 -6.18 -17.44 -7.45
C LYS A 142 -5.94 -16.39 -6.39
N ILE A 143 -4.87 -15.60 -6.51
CA ILE A 143 -4.53 -14.60 -5.52
C ILE A 143 -4.11 -13.31 -6.20
N PHE A 144 -4.17 -12.21 -5.43
CA PHE A 144 -3.61 -10.95 -5.94
C PHE A 144 -3.15 -10.10 -4.77
N GLU A 145 -2.23 -9.20 -5.07
CA GLU A 145 -1.78 -8.19 -4.12
C GLU A 145 -1.69 -6.86 -4.85
N MET A 146 -1.98 -5.77 -4.12
CA MET A 146 -1.71 -4.41 -4.56
C MET A 146 -0.79 -3.76 -3.53
N GLY A 147 0.32 -3.17 -3.97
CA GLY A 147 1.23 -2.59 -3.00
C GLY A 147 2.44 -1.98 -3.66
N SER A 148 3.18 -1.22 -2.86
CA SER A 148 4.33 -0.50 -3.38
C SER A 148 5.46 -1.43 -3.72
N CYS A 149 6.08 -1.16 -4.85
CA CYS A 149 7.33 -1.75 -5.32
C CYS A 149 8.29 -0.62 -5.61
N PHE A 150 9.57 -0.94 -5.67
CA PHE A 150 10.62 0.08 -5.69
C PHE A 150 11.69 -0.28 -6.70
N ARG A 151 12.07 0.69 -7.55
CA ARG A 151 13.16 0.52 -8.51
C ARG A 151 13.91 1.83 -8.68
N LYS A 152 15.24 1.72 -8.80
CA LYS A 152 16.06 2.88 -9.17
C LYS A 152 15.88 3.11 -10.66
N GLU A 153 15.39 4.29 -11.05
CA GLU A 153 15.04 4.51 -12.46
C GLU A 153 15.84 5.66 -13.06
N MET A 158 7.17 7.21 -18.14
CA MET A 158 6.25 7.01 -17.02
C MET A 158 6.83 6.10 -15.97
N HIS A 159 7.96 6.52 -15.39
CA HIS A 159 8.62 5.78 -14.33
C HIS A 159 8.67 6.56 -13.01
N LEU A 160 8.38 5.83 -11.94
CA LEU A 160 8.46 6.29 -10.56
C LEU A 160 9.47 5.41 -9.84
N GLU A 161 10.13 5.93 -8.79
CA GLU A 161 10.97 5.01 -8.02
C GLU A 161 10.15 4.17 -7.03
N GLU A 162 9.05 4.71 -6.51
CA GLU A 162 8.02 3.94 -5.82
C GLU A 162 6.77 3.89 -6.68
N PHE A 163 6.30 2.71 -7.02
CA PHE A 163 5.04 2.62 -7.76
C PHE A 163 4.18 1.53 -7.17
N THR A 164 2.90 1.51 -7.54
CA THR A 164 1.96 0.53 -6.98
C THR A 164 1.69 -0.52 -8.04
N MET A 165 2.11 -1.75 -7.77
N MET A 165 2.11 -1.75 -7.78
CA MET A 165 1.79 -2.87 -8.63
CA MET A 165 1.79 -2.84 -8.68
C MET A 165 0.52 -3.53 -8.13
C MET A 165 0.58 -3.60 -8.16
N LEU A 166 -0.31 -3.98 -9.08
CA LEU A 166 -1.36 -4.96 -8.81
C LEU A 166 -0.90 -6.21 -9.55
N SER A 167 -0.62 -7.27 -8.81
CA SER A 167 -0.23 -8.52 -9.44
C SER A 167 -1.24 -9.59 -9.06
N LEU A 168 -1.70 -10.30 -10.06
CA LEU A 168 -2.58 -11.43 -9.87
C LEU A 168 -1.92 -12.67 -10.41
N CYS A 169 -2.29 -13.82 -9.85
CA CYS A 169 -1.79 -15.06 -10.38
C CYS A 169 -2.76 -16.18 -10.10
N ASP A 170 -2.70 -17.19 -10.95
CA ASP A 170 -3.61 -18.32 -10.88
C ASP A 170 -2.79 -19.56 -11.18
N MET A 171 -2.88 -20.52 -10.28
CA MET A 171 -2.24 -21.81 -10.37
C MET A 171 -3.37 -22.80 -10.61
N GLY A 172 -3.29 -23.52 -11.72
CA GLY A 172 -4.21 -24.58 -12.02
C GLY A 172 -5.61 -24.10 -12.37
N PRO A 173 -5.71 -23.11 -13.25
CA PRO A 173 -7.04 -22.66 -13.67
C PRO A 173 -7.71 -23.70 -14.55
N ARG A 174 -9.04 -23.67 -14.56
CA ARG A 174 -9.81 -24.50 -15.47
C ARG A 174 -9.83 -23.82 -16.84
N GLY A 175 -9.35 -24.52 -17.86
CA GLY A 175 -9.32 -24.01 -19.21
C GLY A 175 -7.91 -23.60 -19.64
N ASP A 176 -7.82 -23.23 -20.91
CA ASP A 176 -6.56 -22.81 -21.52
C ASP A 176 -5.96 -21.65 -20.73
N ALA A 177 -4.69 -21.78 -20.35
CA ALA A 177 -4.09 -20.80 -19.46
C ALA A 177 -4.05 -19.41 -20.10
N THR A 178 -3.86 -19.33 -21.43
CA THR A 178 -3.73 -18.02 -22.08
C THR A 178 -5.08 -17.32 -22.19
N GLU A 179 -6.13 -18.05 -22.59
CA GLU A 179 -7.47 -17.46 -22.63
C GLU A 179 -7.93 -17.05 -21.23
N VAL A 180 -7.62 -17.85 -20.21
CA VAL A 180 -7.97 -17.50 -18.84
C VAL A 180 -7.26 -16.22 -18.43
N LEU A 181 -5.97 -16.13 -18.74
CA LEU A 181 -5.21 -14.92 -18.44
C LEU A 181 -5.79 -13.70 -19.15
N LYS A 182 -6.19 -13.85 -20.42
CA LYS A 182 -6.77 -12.73 -21.13
C LYS A 182 -8.09 -12.30 -20.48
N ASN A 183 -8.89 -13.25 -19.99
CA ASN A 183 -10.14 -12.89 -19.33
C ASN A 183 -9.86 -12.14 -18.02
N TYR A 184 -8.87 -12.57 -17.23
CA TYR A 184 -8.53 -11.84 -16.02
C TYR A 184 -8.08 -10.41 -16.32
N ILE A 185 -7.26 -10.24 -17.36
CA ILE A 185 -6.87 -8.90 -17.79
C ILE A 185 -8.10 -8.06 -18.12
N SER A 186 -9.08 -8.65 -18.81
CA SER A 186 -10.32 -7.92 -19.13
C SER A 186 -11.05 -7.48 -17.87
N VAL A 187 -11.14 -8.36 -16.88
CA VAL A 187 -11.79 -7.99 -15.62
C VAL A 187 -11.11 -6.77 -14.99
N VAL A 188 -9.78 -6.77 -14.92
CA VAL A 188 -9.07 -5.66 -14.32
C VAL A 188 -9.29 -4.39 -15.14
N MET A 189 -9.06 -4.48 -16.45
CA MET A 189 -9.10 -3.26 -17.25
C MET A 189 -10.50 -2.64 -17.27
N LYS A 190 -11.54 -3.46 -17.37
CA LYS A 190 -12.91 -2.93 -17.28
C LYS A 190 -13.18 -2.33 -15.91
N ALA A 191 -12.71 -2.98 -14.84
CA ALA A 191 -12.95 -2.46 -13.51
C ALA A 191 -12.19 -1.17 -13.28
N ALA A 192 -11.09 -0.97 -13.99
CA ALA A 192 -10.30 0.25 -13.90
C ALA A 192 -10.88 1.39 -14.72
N GLY A 193 -11.91 1.14 -15.52
CA GLY A 193 -12.46 2.16 -16.40
C GLY A 193 -11.68 2.37 -17.67
N LEU A 194 -10.95 1.35 -18.12
CA LEU A 194 -10.11 1.43 -19.31
C LEU A 194 -10.40 0.22 -20.19
N PRO A 195 -11.60 0.15 -20.77
CA PRO A 195 -11.97 -1.05 -21.55
C PRO A 195 -11.27 -1.16 -22.90
N ASP A 196 -10.63 -0.10 -23.39
CA ASP A 196 -10.00 -0.10 -24.71
C ASP A 196 -8.49 -0.20 -24.55
N TYR A 197 -7.91 -1.29 -25.03
CA TYR A 197 -6.49 -1.54 -24.87
C TYR A 197 -6.06 -2.57 -25.91
N ASP A 198 -4.75 -2.72 -26.06
CA ASP A 198 -4.14 -3.66 -26.98
C ASP A 198 -3.32 -4.66 -26.20
N LEU A 199 -3.28 -5.89 -26.69
CA LEU A 199 -2.42 -6.94 -26.13
C LEU A 199 -1.27 -7.18 -27.10
N VAL A 200 -0.04 -7.06 -26.62
CA VAL A 200 1.14 -7.08 -27.48
C VAL A 200 2.20 -8.01 -26.90
N GLN A 201 2.70 -8.93 -27.71
CA GLN A 201 3.81 -9.78 -27.26
C GLN A 201 5.09 -8.94 -27.12
N GLU A 202 5.78 -9.08 -25.98
CA GLU A 202 7.01 -8.34 -25.75
C GLU A 202 8.06 -9.27 -25.14
N GLU A 203 9.32 -8.95 -25.38
CA GLU A 203 10.43 -9.75 -24.86
C GLU A 203 10.67 -9.42 -23.39
N SER A 204 11.14 -10.42 -22.65
CA SER A 204 11.41 -10.27 -21.23
C SER A 204 12.59 -11.16 -20.87
N ASP A 205 13.53 -10.61 -20.08
CA ASP A 205 14.65 -11.42 -19.64
C ASP A 205 14.30 -12.28 -18.42
N VAL A 206 13.21 -11.97 -17.71
CA VAL A 206 12.73 -12.88 -16.67
C VAL A 206 11.83 -13.96 -17.27
N TYR A 207 10.84 -13.54 -18.08
CA TYR A 207 9.77 -14.43 -18.53
C TYR A 207 9.94 -14.93 -19.95
N LYS A 208 10.98 -14.48 -20.67
CA LYS A 208 11.21 -14.87 -22.07
C LYS A 208 10.32 -14.04 -22.99
N GLU A 209 9.00 -14.24 -22.89
CA GLU A 209 8.02 -13.44 -23.60
C GLU A 209 6.87 -13.14 -22.65
N THR A 210 6.37 -11.91 -22.71
CA THR A 210 5.18 -11.53 -21.97
C THR A 210 4.11 -11.13 -22.97
N ILE A 211 2.87 -11.09 -22.48
CA ILE A 211 1.78 -10.39 -23.15
C ILE A 211 1.62 -9.08 -22.41
N ASP A 212 1.87 -7.97 -23.09
CA ASP A 212 1.74 -6.68 -22.42
C ASP A 212 0.42 -6.04 -22.81
N VAL A 213 -0.15 -5.28 -21.88
CA VAL A 213 -1.31 -4.45 -22.13
C VAL A 213 -0.79 -3.05 -22.45
N GLU A 214 -1.14 -2.53 -23.61
CA GLU A 214 -0.70 -1.20 -24.02
C GLU A 214 -1.92 -0.35 -24.36
N ILE A 215 -1.86 0.91 -23.97
CA ILE A 215 -2.86 1.90 -24.37
C ILE A 215 -2.10 2.97 -25.13
N ASN A 216 -2.38 3.08 -26.42
CA ASN A 216 -1.68 4.00 -27.32
C ASN A 216 -0.18 3.85 -27.19
N GLY A 217 0.27 2.60 -27.14
CA GLY A 217 1.68 2.29 -27.12
C GLY A 217 2.32 2.33 -25.76
N GLN A 218 1.58 2.68 -24.71
CA GLN A 218 2.13 2.79 -23.37
C GLN A 218 1.81 1.51 -22.59
N GLU A 219 2.85 0.83 -22.14
CA GLU A 219 2.69 -0.38 -21.34
C GLU A 219 2.06 -0.05 -20.00
N VAL A 220 0.99 -0.76 -19.65
CA VAL A 220 0.38 -0.64 -18.33
C VAL A 220 0.37 -1.96 -17.59
N CYS A 221 0.74 -3.06 -18.23
CA CYS A 221 0.73 -4.38 -17.62
C CYS A 221 1.65 -5.29 -18.42
N SER A 222 2.34 -6.19 -17.69
CA SER A 222 3.03 -7.32 -18.29
CA SER A 222 3.05 -7.32 -18.28
C SER A 222 2.46 -8.59 -17.69
N ALA A 223 2.15 -9.55 -18.54
CA ALA A 223 1.54 -10.81 -18.11
C ALA A 223 2.25 -11.98 -18.75
N ALA A 224 2.16 -13.15 -18.12
CA ALA A 224 2.77 -14.31 -18.72
C ALA A 224 2.13 -15.59 -18.21
N VAL A 225 2.31 -16.65 -19.00
CA VAL A 225 2.08 -18.01 -18.57
C VAL A 225 3.44 -18.58 -18.21
N GLY A 226 3.60 -19.07 -16.98
CA GLY A 226 4.89 -19.58 -16.58
C GLY A 226 5.95 -18.49 -16.65
N PRO A 227 7.12 -18.78 -17.27
CA PRO A 227 7.53 -20.01 -17.97
C PRO A 227 7.94 -21.12 -17.02
N HIS A 228 8.19 -22.31 -17.57
CA HIS A 228 8.33 -23.49 -16.74
C HIS A 228 9.53 -23.41 -15.82
N TYR A 229 10.66 -22.87 -16.29
CA TYR A 229 11.84 -22.84 -15.42
C TYR A 229 11.59 -21.97 -14.19
N LEU A 230 10.82 -20.88 -14.37
CA LEU A 230 10.52 -20.00 -13.24
C LEU A 230 9.59 -20.70 -12.26
N ASP A 231 8.58 -21.41 -12.76
CA ASP A 231 7.71 -22.19 -11.88
C ASP A 231 8.52 -23.21 -11.09
N ALA A 232 9.35 -24.00 -11.79
CA ALA A 232 10.13 -25.02 -11.11
C ALA A 232 11.05 -24.42 -10.06
N ALA A 233 11.59 -23.23 -10.32
CA ALA A 233 12.45 -22.56 -9.36
C ALA A 233 11.71 -22.21 -8.07
N HIS A 234 10.38 -22.19 -8.12
CA HIS A 234 9.59 -21.93 -6.94
C HIS A 234 8.77 -23.14 -6.52
N ASP A 235 9.16 -24.33 -6.96
CA ASP A 235 8.55 -25.59 -6.54
C ASP A 235 7.10 -25.67 -7.00
N VAL A 236 6.84 -25.10 -8.16
CA VAL A 236 5.52 -25.10 -8.78
C VAL A 236 5.59 -25.97 -10.03
N HIS A 237 4.72 -26.97 -10.10
CA HIS A 237 4.80 -28.01 -11.13
C HIS A 237 3.46 -28.20 -11.83
N GLU A 238 2.84 -27.09 -12.19
CA GLU A 238 1.57 -27.07 -12.90
C GLU A 238 1.47 -25.74 -13.63
N PRO A 239 0.51 -25.59 -14.53
CA PRO A 239 0.40 -24.33 -15.28
C PRO A 239 0.09 -23.18 -14.34
N THR A 240 0.86 -22.11 -14.47
CA THR A 240 0.60 -20.88 -13.73
C THR A 240 0.52 -19.75 -14.73
N SER A 241 -0.23 -18.72 -14.37
CA SER A 241 -0.21 -17.50 -15.14
C SER A 241 -0.26 -16.33 -14.17
N GLY A 242 0.00 -15.16 -14.68
CA GLY A 242 -0.05 -14.00 -13.84
C GLY A 242 0.06 -12.74 -14.65
N ALA A 243 -0.31 -11.64 -14.01
CA ALA A 243 -0.27 -10.33 -14.66
C ALA A 243 0.10 -9.28 -13.63
N GLY A 244 0.96 -8.35 -14.01
CA GLY A 244 1.34 -7.25 -13.14
C GLY A 244 1.01 -5.91 -13.76
N PHE A 245 0.15 -5.13 -13.10
CA PHE A 245 -0.35 -3.85 -13.59
C PHE A 245 0.29 -2.70 -12.83
N GLY A 246 0.60 -1.62 -13.53
CA GLY A 246 1.08 -0.40 -12.90
C GLY A 246 -0.07 0.55 -12.63
N LEU A 247 -0.47 0.68 -11.37
CA LEU A 247 -1.72 1.37 -11.09
C LEU A 247 -1.62 2.86 -11.34
N GLU A 248 -0.47 3.48 -11.04
CA GLU A 248 -0.30 4.89 -11.38
C GLU A 248 -0.38 5.12 -12.87
N ARG A 249 0.19 4.22 -13.67
CA ARG A 249 0.08 4.34 -15.11
C ARG A 249 -1.39 4.26 -15.55
N LEU A 250 -2.15 3.29 -15.03
CA LEU A 250 -3.55 3.21 -15.39
C LEU A 250 -4.26 4.51 -15.06
N LEU A 251 -4.05 5.01 -13.83
CA LEU A 251 -4.78 6.20 -13.37
C LEU A 251 -4.41 7.40 -14.21
N THR A 252 -3.11 7.54 -14.49
CA THR A 252 -2.62 8.64 -15.31
C THR A 252 -3.31 8.67 -16.66
N ILE A 253 -3.41 7.52 -17.32
CA ILE A 253 -4.04 7.45 -18.62
C ILE A 253 -5.52 7.73 -18.53
N ARG A 254 -6.21 7.12 -17.55
CA ARG A 254 -7.66 7.31 -17.47
C ARG A 254 -8.02 8.77 -17.20
N GLU A 255 -7.32 9.41 -16.26
CA GLU A 255 -7.64 10.77 -15.86
C GLU A 255 -6.98 11.81 -16.76
N LYS A 256 -6.18 11.37 -17.73
CA LYS A 256 -5.49 12.26 -18.69
C LYS A 256 -4.57 13.26 -17.98
N TYR A 257 -3.83 12.79 -16.96
CA TYR A 257 -2.79 13.59 -16.34
C TYR A 257 -1.57 13.61 -17.26
N SER A 258 -0.87 14.75 -17.31
CA SER A 258 0.21 14.92 -18.24
C SER A 258 1.52 14.29 -17.81
N THR A 259 1.63 13.83 -16.57
CA THR A 259 2.78 13.06 -16.13
C THR A 259 2.30 12.01 -15.14
N VAL A 260 3.14 10.98 -14.95
CA VAL A 260 2.81 9.86 -14.06
C VAL A 260 3.02 10.19 -12.60
N LYS A 261 3.48 11.38 -12.27
CA LYS A 261 3.77 11.76 -10.88
C LYS A 261 2.60 12.41 -10.16
N LYS A 262 1.43 12.52 -10.79
CA LYS A 262 0.37 13.34 -10.23
C LYS A 262 -0.73 12.56 -9.54
N GLY A 263 -0.95 11.29 -9.88
CA GLY A 263 -2.08 10.58 -9.34
C GLY A 263 -1.81 9.62 -8.20
N GLY A 264 -0.54 9.34 -7.94
CA GLY A 264 -0.14 8.44 -6.84
C GLY A 264 0.35 9.19 -5.62
N ALA A 265 1.24 8.56 -4.88
CA ALA A 265 1.77 9.12 -3.64
C ALA A 265 2.71 10.28 -3.93
N SER A 266 2.58 11.34 -3.14
CA SER A 266 3.31 12.55 -3.48
C SER A 266 3.19 13.53 -2.33
N ILE A 267 4.18 14.39 -2.19
CA ILE A 267 4.06 15.58 -1.34
C ILE A 267 3.94 16.85 -2.17
N SER A 268 3.87 16.73 -3.52
CA SER A 268 3.65 17.89 -4.39
C SER A 268 2.31 17.86 -5.10
N TYR A 269 1.77 16.67 -5.40
CA TYR A 269 0.52 16.49 -6.11
C TYR A 269 -0.52 15.79 -5.24
N LEU A 270 -1.77 16.13 -5.47
CA LEU A 270 -2.90 15.43 -4.85
C LEU A 270 -3.95 15.24 -5.94
N ASN A 271 -4.20 13.99 -6.33
CA ASN A 271 -5.21 13.68 -7.32
C ASN A 271 -5.15 14.58 -8.55
N GLY A 272 -3.95 14.70 -9.13
CA GLY A 272 -3.75 15.37 -10.37
C GLY A 272 -3.41 16.84 -10.28
N ALA A 273 -3.55 17.44 -9.11
CA ALA A 273 -3.30 18.85 -8.90
C ALA A 273 -2.05 19.09 -8.05
N LYS A 274 -1.30 20.11 -8.42
CA LYS A 274 -0.11 20.45 -7.65
C LYS A 274 -0.47 21.39 -6.51
N ILE A 275 -0.06 21.02 -5.29
CA ILE A 275 -0.48 21.78 -4.12
C ILE A 275 0.54 22.84 -3.69
N ASN A 276 1.72 22.87 -4.30
CA ASN A 276 2.75 23.81 -3.92
C ASN A 276 3.23 24.55 -5.17
N VAL B 4 0.21 -24.82 37.94
CA VAL B 4 1.07 -25.26 36.85
C VAL B 4 0.56 -24.67 35.56
N LYS B 5 1.45 -24.10 34.76
CA LYS B 5 1.04 -23.47 33.52
C LYS B 5 1.72 -24.15 32.35
N TYR B 6 1.24 -23.82 31.15
CA TYR B 6 1.96 -24.22 29.96
C TYR B 6 3.36 -23.64 30.02
N THR B 7 4.34 -24.40 29.52
CA THR B 7 5.69 -23.87 29.45
C THR B 7 5.76 -22.77 28.40
N ASP B 8 6.80 -21.93 28.50
CA ASP B 8 6.99 -20.91 27.47
C ASP B 8 7.06 -21.55 26.09
N ALA B 9 7.80 -22.66 25.97
CA ALA B 9 7.86 -23.35 24.69
C ALA B 9 6.49 -23.84 24.25
N GLN B 10 5.68 -24.35 25.20
CA GLN B 10 4.36 -24.83 24.80
C GLN B 10 3.48 -23.67 24.34
N ILE B 11 3.56 -22.53 25.04
CA ILE B 11 2.83 -21.35 24.61
C ILE B 11 3.19 -21.02 23.16
N GLN B 12 4.48 -21.03 22.84
CA GLN B 12 4.90 -20.64 21.49
C GLN B 12 4.36 -21.61 20.46
N ARG B 13 4.40 -22.90 20.80
CA ARG B 13 3.86 -23.92 19.91
C ARG B 13 2.36 -23.77 19.72
N LEU B 14 1.63 -23.46 20.81
CA LEU B 14 0.19 -23.27 20.70
C LEU B 14 -0.15 -22.03 19.86
N ARG B 15 0.63 -20.96 19.99
CA ARG B 15 0.31 -19.75 19.26
C ARG B 15 0.71 -19.83 17.79
N GLU B 16 1.46 -20.85 17.39
CA GLU B 16 1.89 -20.90 15.99
C GLU B 16 0.68 -21.03 15.07
N TYR B 17 -0.22 -21.97 15.39
CA TYR B 17 -1.46 -22.20 14.63
C TYR B 17 -2.71 -21.75 15.36
N GLY B 18 -2.63 -21.53 16.67
CA GLY B 18 -3.80 -21.21 17.46
C GLY B 18 -3.88 -19.76 17.89
N ASN B 19 -5.11 -19.30 18.04
CA ASN B 19 -5.42 -17.94 18.49
C ASN B 19 -6.18 -17.93 19.80
N GLY B 20 -6.07 -18.98 20.59
CA GLY B 20 -6.62 -18.97 21.94
C GLY B 20 -5.81 -18.14 22.90
N THR B 21 -6.26 -18.11 24.15
CA THR B 21 -5.59 -17.38 25.22
C THR B 21 -4.98 -18.43 26.15
N TYR B 22 -3.80 -18.90 25.80
CA TYR B 22 -3.22 -20.06 26.46
C TYR B 22 -2.47 -19.71 27.73
N GLU B 23 -1.98 -18.47 27.84
CA GLU B 23 -1.19 -18.08 29.00
C GLU B 23 -1.99 -18.11 30.29
N GLN B 24 -3.31 -17.99 30.21
CA GLN B 24 -4.11 -17.94 31.44
C GLN B 24 -4.33 -19.31 32.05
N LYS B 25 -4.15 -20.38 31.29
CA LYS B 25 -4.56 -21.70 31.78
C LYS B 25 -3.62 -22.20 32.87
N VAL B 26 -4.20 -22.90 33.84
CA VAL B 26 -3.48 -23.44 34.98
C VAL B 26 -3.94 -24.88 35.18
N PHE B 27 -3.01 -25.73 35.59
CA PHE B 27 -3.25 -27.15 35.83
C PHE B 27 -2.58 -27.50 37.15
N GLU B 28 -2.83 -28.71 37.63
CA GLU B 28 -2.30 -29.14 38.91
C GLU B 28 -1.37 -30.35 38.78
N ASP B 29 -0.85 -30.59 37.58
CA ASP B 29 -0.12 -31.83 37.32
C ASP B 29 0.62 -31.72 36.01
N LEU B 30 1.92 -32.05 35.97
CA LEU B 30 2.59 -32.10 34.66
C LEU B 30 1.80 -32.99 33.70
N ALA B 31 1.23 -34.07 34.22
CA ALA B 31 0.48 -35.00 33.38
C ALA B 31 -0.75 -34.35 32.80
N SER B 32 -1.47 -33.53 33.58
CA SER B 32 -2.66 -32.87 33.07
C SER B 32 -2.31 -31.66 32.19
N ARG B 33 -1.23 -30.94 32.52
CA ARG B 33 -0.73 -29.94 31.58
C ARG B 33 -0.46 -30.58 30.23
N ASP B 34 0.27 -31.70 30.24
CA ASP B 34 0.66 -32.33 28.98
C ASP B 34 -0.54 -32.86 28.21
N ALA B 35 -1.52 -33.42 28.90
CA ALA B 35 -2.71 -33.91 28.22
C ALA B 35 -3.50 -32.76 27.61
N ALA B 36 -3.59 -31.64 28.32
CA ALA B 36 -4.33 -30.49 27.79
C ALA B 36 -3.61 -29.89 26.60
N PHE B 37 -2.28 -29.79 26.70
CA PHE B 37 -1.48 -29.26 25.60
C PHE B 37 -1.70 -30.08 24.35
N SER B 38 -1.65 -31.41 24.47
CA SER B 38 -1.84 -32.28 23.31
CA SER B 38 -1.82 -32.24 23.29
C SER B 38 -3.18 -32.01 22.64
N LYS B 39 -4.24 -31.88 23.45
CA LYS B 39 -5.57 -31.64 22.93
C LYS B 39 -5.67 -30.26 22.31
N GLU B 40 -5.15 -29.22 22.96
CA GLU B 40 -5.24 -27.88 22.40
CA GLU B 40 -5.22 -27.87 22.41
C GLU B 40 -4.38 -27.71 21.15
N MET B 41 -3.23 -28.39 21.06
CA MET B 41 -2.44 -28.31 19.83
C MET B 41 -3.22 -28.91 18.67
N SER B 42 -3.87 -30.06 18.91
CA SER B 42 -4.62 -30.71 17.85
CA SER B 42 -4.62 -30.71 17.83
C SER B 42 -5.78 -29.84 17.39
N VAL B 43 -6.47 -29.22 18.33
CA VAL B 43 -7.61 -28.40 18.00
C VAL B 43 -7.15 -27.17 17.24
N ALA B 44 -6.07 -26.55 17.70
CA ALA B 44 -5.53 -25.38 17.03
C ALA B 44 -5.22 -25.69 15.58
N SER B 45 -4.56 -26.82 15.34
CA SER B 45 -4.10 -27.14 14.00
C SER B 45 -5.27 -27.47 13.06
N THR B 46 -6.22 -28.27 13.51
CA THR B 46 -7.40 -28.58 12.70
C THR B 46 -8.25 -27.33 12.46
N ASP B 47 -8.42 -26.51 13.48
CA ASP B 47 -9.14 -25.26 13.31
C ASP B 47 -8.46 -24.38 12.26
N ASN B 48 -7.13 -24.32 12.31
CA ASN B 48 -6.39 -23.50 11.34
C ASN B 48 -6.58 -24.01 9.92
N GLU B 49 -6.50 -25.33 9.74
CA GLU B 49 -6.69 -25.93 8.42
C GLU B 49 -8.08 -25.62 7.88
N LYS B 50 -9.11 -25.77 8.70
CA LYS B 50 -10.48 -25.49 8.25
C LYS B 50 -10.62 -24.03 7.84
N LYS B 51 -9.99 -23.13 8.60
CA LYS B 51 -10.08 -21.71 8.30
CA LYS B 51 -10.07 -21.70 8.31
C LYS B 51 -9.41 -21.37 6.98
N ILE B 52 -8.25 -21.95 6.69
CA ILE B 52 -7.62 -21.64 5.41
CA ILE B 52 -7.59 -21.68 5.40
C ILE B 52 -8.43 -22.25 4.27
N LYS B 53 -8.97 -23.47 4.47
CA LYS B 53 -9.80 -24.07 3.43
C LYS B 53 -11.00 -23.17 3.14
N GLY B 54 -11.49 -22.46 4.17
CA GLY B 54 -12.64 -21.56 3.97
C GLY B 54 -12.33 -20.28 3.20
N MET B 55 -11.20 -19.63 3.50
CA MET B 55 -10.78 -18.47 2.73
C MET B 55 -10.59 -18.81 1.27
N ILE B 56 -10.00 -19.98 0.99
CA ILE B 56 -9.77 -20.32 -0.40
C ILE B 56 -11.12 -20.49 -1.08
N ALA B 57 -12.05 -21.14 -0.39
CA ALA B 57 -13.34 -21.43 -0.99
C ALA B 57 -14.23 -20.20 -1.09
N ASN B 58 -14.05 -19.21 -0.22
CA ASN B 58 -14.88 -18.00 -0.19
CA ASN B 58 -14.90 -18.02 -0.17
C ASN B 58 -14.02 -16.80 0.07
N PRO B 59 -13.27 -16.38 -0.93
CA PRO B 59 -12.29 -15.31 -0.73
C PRO B 59 -12.93 -13.98 -0.36
N SER B 60 -12.20 -13.19 0.41
CA SER B 60 -12.66 -11.90 0.89
C SER B 60 -11.56 -10.88 0.68
N ARG B 61 -11.97 -9.62 0.75
CA ARG B 61 -10.98 -8.56 0.93
C ARG B 61 -10.13 -8.91 2.14
N HIS B 62 -8.86 -8.57 2.05
CA HIS B 62 -7.95 -8.86 3.15
C HIS B 62 -8.39 -8.11 4.40
N GLY B 63 -8.16 -8.73 5.56
CA GLY B 63 -8.67 -8.13 6.78
C GLY B 63 -8.10 -6.76 7.08
N LEU B 64 -6.82 -6.56 6.78
CA LEU B 64 -6.20 -5.27 7.02
C LEU B 64 -6.72 -4.23 6.03
N THR B 65 -6.85 -4.62 4.76
CA THR B 65 -7.42 -3.72 3.77
C THR B 65 -8.85 -3.33 4.15
N GLN B 66 -9.63 -4.29 4.67
CA GLN B 66 -11.01 -4.00 5.00
C GLN B 66 -11.06 -3.02 6.16
N LEU B 67 -10.17 -3.21 7.14
CA LEU B 67 -10.13 -2.31 8.29
C LEU B 67 -9.77 -0.90 7.82
N MET B 68 -8.78 -0.80 6.94
CA MET B 68 -8.38 0.51 6.39
C MET B 68 -9.57 1.17 5.71
N ASN B 69 -10.31 0.47 4.88
CA ASN B 69 -11.47 1.02 4.19
C ASN B 69 -12.54 1.46 5.16
N ASP B 70 -12.83 0.65 6.20
CA ASP B 70 -13.87 1.00 7.16
C ASP B 70 -13.52 2.32 7.86
N ILE B 71 -12.26 2.45 8.30
CA ILE B 71 -11.87 3.68 8.97
C ILE B 71 -11.85 4.85 7.98
N ALA B 72 -11.32 4.63 6.78
CA ALA B 72 -11.18 5.71 5.82
C ALA B 72 -12.53 6.29 5.43
N ASP B 73 -13.51 5.44 5.18
CA ASP B 73 -14.82 5.97 4.82
C ASP B 73 -15.42 6.77 5.96
N ALA B 74 -15.16 6.37 7.22
CA ALA B 74 -15.62 7.16 8.37
C ALA B 74 -14.94 8.52 8.43
N LEU B 75 -13.64 8.58 8.14
CA LEU B 75 -12.94 9.86 8.23
C LEU B 75 -13.34 10.80 7.10
N VAL B 76 -13.54 10.26 5.89
CA VAL B 76 -14.00 11.12 4.80
C VAL B 76 -15.36 11.71 5.11
N ALA B 77 -16.25 10.92 5.73
CA ALA B 77 -17.56 11.42 6.13
C ALA B 77 -17.43 12.52 7.17
N GLU B 78 -16.38 12.49 7.98
CA GLU B 78 -16.09 13.57 8.93
C GLU B 78 -15.40 14.76 8.28
N GLY B 79 -15.16 14.73 6.97
CA GLY B 79 -14.57 15.87 6.30
C GLY B 79 -13.07 15.79 6.07
N PHE B 80 -12.47 14.63 6.25
CA PHE B 80 -11.03 14.44 6.09
C PHE B 80 -10.74 14.09 4.64
N ILE B 81 -9.72 14.74 4.08
CA ILE B 81 -9.14 14.37 2.78
C ILE B 81 -8.15 13.23 2.96
N GLU B 82 -8.29 12.18 2.15
CA GLU B 82 -7.29 11.12 2.15
C GLU B 82 -6.10 11.52 1.27
N VAL B 83 -4.91 11.37 1.81
CA VAL B 83 -3.69 11.62 1.04
C VAL B 83 -2.82 10.37 1.09
N ARG B 84 -1.93 10.28 0.09
CA ARG B 84 -0.95 9.21 -0.03
C ARG B 84 0.40 9.88 -0.27
N THR B 85 1.37 9.57 0.57
CA THR B 85 2.68 10.22 0.41
C THR B 85 3.77 9.15 0.25
N PRO B 86 4.97 9.54 -0.17
CA PRO B 86 6.00 8.54 -0.45
C PRO B 86 6.50 7.86 0.82
N ILE B 87 6.92 6.61 0.65
CA ILE B 87 7.58 5.91 1.75
C ILE B 87 8.97 6.49 2.01
N PHE B 88 9.66 6.98 0.97
CA PHE B 88 10.98 7.58 1.18
C PHE B 88 10.81 8.98 1.73
N ILE B 89 11.60 9.31 2.76
CA ILE B 89 11.69 10.67 3.27
C ILE B 89 13.17 11.04 3.43
N SER B 90 13.42 12.33 3.51
CA SER B 90 14.80 12.78 3.58
C SER B 90 15.32 12.83 5.02
N LYS B 91 16.63 12.79 5.14
CA LYS B 91 17.28 12.98 6.43
C LYS B 91 16.93 14.35 7.02
N ASP B 92 16.90 15.38 6.17
CA ASP B 92 16.48 16.71 6.62
C ASP B 92 15.06 16.68 7.18
N ALA B 93 14.16 15.96 6.51
CA ALA B 93 12.78 15.87 7.02
C ALA B 93 12.76 15.25 8.40
N LEU B 94 13.53 14.17 8.61
CA LEU B 94 13.61 13.57 9.94
C LEU B 94 14.18 14.56 10.95
N ALA B 95 15.17 15.34 10.54
CA ALA B 95 15.81 16.29 11.46
C ALA B 95 14.83 17.37 11.89
N ARG B 96 14.01 17.88 10.97
CA ARG B 96 12.97 18.83 11.34
C ARG B 96 11.94 18.19 12.27
N MET B 97 11.85 16.87 12.29
CA MET B 97 11.05 16.14 13.27
C MET B 97 11.82 15.90 14.58
N THR B 98 13.01 16.48 14.71
CA THR B 98 13.94 16.30 15.83
C THR B 98 14.47 14.89 15.95
N ILE B 99 14.16 14.00 15.01
CA ILE B 99 14.80 12.69 14.95
C ILE B 99 16.21 12.90 14.42
N THR B 100 17.15 13.16 15.32
CA THR B 100 18.55 13.40 14.99
C THR B 100 19.39 12.27 15.56
N GLU B 101 20.69 12.26 15.18
CA GLU B 101 21.56 11.17 15.62
C GLU B 101 21.46 10.96 17.13
N ASP B 102 21.04 12.01 17.86
CA ASP B 102 20.86 11.92 19.29
C ASP B 102 19.69 11.01 19.66
N LYS B 103 18.52 11.27 19.08
CA LYS B 103 17.30 10.61 19.54
C LYS B 103 17.36 9.11 19.33
N PRO B 104 16.68 8.33 20.20
CA PRO B 104 16.72 6.86 20.04
C PRO B 104 16.00 6.37 18.79
N LEU B 105 14.94 7.04 18.34
CA LEU B 105 14.24 6.60 17.14
C LEU B 105 15.15 6.61 15.93
N PHE B 106 16.14 7.52 15.91
CA PHE B 106 17.09 7.62 14.80
C PHE B 106 17.79 6.29 14.55
N LYS B 107 18.25 5.63 15.61
CA LYS B 107 18.93 4.35 15.46
C LYS B 107 18.03 3.27 14.88
N GLN B 108 16.71 3.48 14.88
CA GLN B 108 15.78 2.52 14.31
C GLN B 108 15.47 2.77 12.85
N VAL B 109 16.07 3.80 12.24
CA VAL B 109 15.71 4.22 10.90
C VAL B 109 16.41 3.34 9.87
N PHE B 110 15.65 2.85 8.90
CA PHE B 110 16.22 2.15 7.74
C PHE B 110 16.67 3.19 6.71
N TRP B 111 17.97 3.31 6.49
CA TRP B 111 18.48 4.23 5.48
C TRP B 111 18.52 3.57 4.11
N ILE B 112 18.20 4.35 3.08
CA ILE B 112 18.22 3.89 1.69
C ILE B 112 19.47 4.38 0.99
N ASP B 113 19.94 5.55 1.39
CA ASP B 113 21.22 6.11 0.94
C ASP B 113 21.65 7.14 1.97
N GLU B 114 22.63 7.98 1.62
CA GLU B 114 23.15 8.93 2.59
C GLU B 114 22.14 9.99 3.00
N LYS B 115 21.12 10.24 2.19
CA LYS B 115 20.21 11.35 2.42
C LYS B 115 18.76 10.96 2.57
N ARG B 116 18.43 9.67 2.50
CA ARG B 116 17.03 9.26 2.48
C ARG B 116 16.80 7.98 3.26
N ALA B 117 15.59 7.86 3.79
CA ALA B 117 15.22 6.76 4.68
C ALA B 117 13.82 6.30 4.36
N LEU B 118 13.54 5.06 4.71
CA LEU B 118 12.15 4.63 4.85
C LEU B 118 11.51 5.39 6.00
N ARG B 119 10.31 5.93 5.76
CA ARG B 119 9.68 6.73 6.80
C ARG B 119 9.38 5.87 8.02
N PRO B 120 9.73 6.31 9.23
CA PRO B 120 9.34 5.58 10.44
C PRO B 120 7.99 6.02 11.01
N MET B 121 7.39 7.05 10.41
CA MET B 121 6.10 7.60 10.84
CA MET B 121 6.09 7.57 10.82
C MET B 121 5.58 8.41 9.67
N LEU B 122 4.29 8.71 9.72
CA LEU B 122 3.69 9.47 8.63
C LEU B 122 3.74 10.98 8.80
N ALA B 123 4.00 11.47 10.01
CA ALA B 123 3.83 12.89 10.27
C ALA B 123 4.69 13.80 9.39
N PRO B 124 5.96 13.48 9.08
CA PRO B 124 6.75 14.46 8.29
C PRO B 124 6.09 14.81 6.98
N ASN B 125 5.64 13.80 6.23
CA ASN B 125 5.01 14.07 4.95
C ASN B 125 3.66 14.75 5.13
N LEU B 126 2.88 14.32 6.13
CA LEU B 126 1.57 14.90 6.35
C LEU B 126 1.64 16.37 6.75
N TYR B 127 2.60 16.72 7.61
CA TYR B 127 2.79 18.12 7.96
C TYR B 127 3.00 18.96 6.71
N SER B 128 3.83 18.45 5.79
CA SER B 128 4.14 19.19 4.58
C SER B 128 2.89 19.39 3.74
N VAL B 129 2.13 18.31 3.55
CA VAL B 129 0.94 18.39 2.71
C VAL B 129 -0.11 19.28 3.36
N MET B 130 -0.31 19.14 4.68
CA MET B 130 -1.29 19.96 5.37
C MET B 130 -0.98 21.44 5.21
N ARG B 131 0.29 21.82 5.41
CA ARG B 131 0.64 23.23 5.31
C ARG B 131 0.41 23.76 3.89
N ASP B 132 0.75 22.97 2.87
CA ASP B 132 0.55 23.43 1.51
C ASP B 132 -0.94 23.53 1.19
N LEU B 133 -1.77 22.62 1.71
CA LEU B 133 -3.20 22.72 1.44
C LEU B 133 -3.79 23.97 2.06
N ARG B 134 -3.31 24.33 3.25
CA ARG B 134 -3.78 25.55 3.90
C ARG B 134 -3.47 26.80 3.08
N ASP B 135 -2.45 26.76 2.22
CA ASP B 135 -2.18 27.88 1.33
C ASP B 135 -3.33 28.14 0.36
N HIS B 136 -4.27 27.20 0.24
CA HIS B 136 -5.31 27.28 -0.77
C HIS B 136 -6.68 27.50 -0.19
N THR B 137 -6.79 27.69 1.11
CA THR B 137 -8.11 27.85 1.70
C THR B 137 -8.01 28.70 2.95
N ASP B 138 -9.13 29.34 3.28
CA ASP B 138 -9.28 30.07 4.53
C ASP B 138 -9.74 29.19 5.67
N GLY B 139 -10.27 28.01 5.38
CA GLY B 139 -10.86 27.14 6.37
C GLY B 139 -9.89 26.12 6.95
N PRO B 140 -10.40 25.32 7.90
CA PRO B 140 -9.55 24.28 8.48
C PRO B 140 -9.24 23.22 7.44
N VAL B 141 -8.10 22.56 7.61
CA VAL B 141 -7.69 21.48 6.73
C VAL B 141 -7.55 20.22 7.57
N LYS B 142 -8.21 19.14 7.15
CA LYS B 142 -8.18 17.89 7.88
C LYS B 142 -7.80 16.80 6.88
N ILE B 143 -6.72 16.06 7.16
CA ILE B 143 -6.27 15.01 6.25
C ILE B 143 -5.87 13.76 7.02
N PHE B 144 -5.74 12.65 6.28
CA PHE B 144 -5.22 11.43 6.87
C PHE B 144 -4.53 10.62 5.78
N GLU B 145 -3.66 9.73 6.24
CA GLU B 145 -3.01 8.75 5.38
C GLU B 145 -2.97 7.43 6.13
N MET B 146 -3.06 6.33 5.36
CA MET B 146 -2.81 4.99 5.86
CA MET B 146 -2.79 5.00 5.88
C MET B 146 -1.73 4.37 4.99
N GLY B 147 -0.67 3.87 5.61
CA GLY B 147 0.39 3.24 4.81
C GLY B 147 1.50 2.71 5.67
N SER B 148 2.40 1.96 5.00
CA SER B 148 3.49 1.30 5.70
C SER B 148 4.53 2.28 6.21
N CYS B 149 5.02 2.00 7.42
CA CYS B 149 6.14 2.66 8.07
C CYS B 149 7.09 1.58 8.53
N PHE B 150 8.35 1.96 8.79
CA PHE B 150 9.40 0.99 8.99
C PHE B 150 10.29 1.39 10.14
N ARG B 151 10.62 0.43 11.01
CA ARG B 151 11.54 0.68 12.11
C ARG B 151 12.30 -0.60 12.44
N LYS B 152 13.60 -0.46 12.70
CA LYS B 152 14.40 -1.61 13.11
C LYS B 152 13.98 -2.05 14.50
N GLU B 153 13.68 -3.34 14.66
CA GLU B 153 13.19 -3.84 15.94
C GLU B 153 14.02 -5.03 16.44
N LEU B 160 6.74 -5.30 14.97
CA LEU B 160 6.84 -5.46 13.51
C LEU B 160 7.82 -4.46 12.91
N GLU B 161 8.69 -4.89 11.99
CA GLU B 161 9.58 -3.94 11.35
CA GLU B 161 9.58 -3.93 11.36
C GLU B 161 8.86 -3.12 10.28
N GLU B 162 7.86 -3.71 9.63
CA GLU B 162 6.95 -2.99 8.73
C GLU B 162 5.57 -3.03 9.36
N PHE B 163 4.95 -1.86 9.56
CA PHE B 163 3.64 -1.79 10.19
C PHE B 163 2.84 -0.73 9.44
N THR B 164 1.53 -0.75 9.61
CA THR B 164 0.65 0.16 8.85
C THR B 164 0.13 1.19 9.85
N MET B 165 0.52 2.44 9.64
CA MET B 165 0.03 3.53 10.46
C MET B 165 -1.16 4.19 9.77
N LEU B 166 -2.15 4.56 10.58
CA LEU B 166 -3.16 5.55 10.23
C LEU B 166 -2.77 6.82 10.97
N SER B 167 -2.53 7.90 10.25
CA SER B 167 -2.24 9.19 10.87
C SER B 167 -3.26 10.18 10.35
N LEU B 168 -3.89 10.90 11.26
CA LEU B 168 -4.79 11.98 10.90
C LEU B 168 -4.27 13.26 11.50
N CYS B 169 -4.58 14.36 10.87
CA CYS B 169 -4.14 15.65 11.42
C CYS B 169 -5.02 16.76 10.89
N ASP B 170 -5.08 17.81 11.68
CA ASP B 170 -5.92 18.95 11.32
CA ASP B 170 -5.97 18.95 11.41
C ASP B 170 -5.17 20.21 11.70
N MET B 171 -5.40 21.24 10.90
CA MET B 171 -4.75 22.53 11.11
C MET B 171 -5.79 23.62 10.93
N GLY B 172 -5.76 24.61 11.82
CA GLY B 172 -6.64 25.75 11.75
C GLY B 172 -7.45 25.93 13.02
N PRO B 173 -8.43 26.84 12.95
CA PRO B 173 -9.18 27.21 14.16
C PRO B 173 -10.00 26.05 14.70
N ARG B 174 -9.98 25.89 16.02
CA ARG B 174 -10.62 24.73 16.64
C ARG B 174 -11.00 25.08 18.07
N GLY B 175 -12.30 25.20 18.32
CA GLY B 175 -12.79 25.45 19.67
C GLY B 175 -12.68 24.19 20.51
N ASP B 176 -11.94 24.25 21.61
CA ASP B 176 -11.59 23.07 22.38
C ASP B 176 -10.83 22.09 21.49
N ALA B 177 -9.51 22.25 21.39
CA ALA B 177 -8.72 21.33 20.59
C ALA B 177 -8.77 19.91 21.17
N THR B 178 -8.68 19.77 22.49
CA THR B 178 -8.63 18.45 23.09
C THR B 178 -9.93 17.68 22.84
N GLU B 179 -11.08 18.34 23.04
CA GLU B 179 -12.35 17.69 22.79
C GLU B 179 -12.47 17.24 21.33
N VAL B 180 -12.04 18.09 20.40
CA VAL B 180 -12.13 17.76 18.98
C VAL B 180 -11.25 16.54 18.67
N LEU B 181 -10.03 16.53 19.21
CA LEU B 181 -9.14 15.40 18.97
C LEU B 181 -9.71 14.11 19.58
N LYS B 182 -10.28 14.20 20.78
CA LYS B 182 -10.90 13.02 21.36
C LYS B 182 -12.06 12.52 20.50
N ASN B 183 -12.78 13.42 19.85
CA ASN B 183 -13.85 12.98 18.98
C ASN B 183 -13.30 12.30 17.73
N TYR B 184 -12.21 12.83 17.14
CA TYR B 184 -11.59 12.13 16.02
C TYR B 184 -11.19 10.72 16.42
N ILE B 185 -10.60 10.58 17.61
CA ILE B 185 -10.22 9.25 18.09
C ILE B 185 -11.44 8.36 18.18
N SER B 186 -12.55 8.89 18.71
CA SER B 186 -13.77 8.12 18.82
C SER B 186 -14.27 7.63 17.47
N VAL B 187 -14.20 8.50 16.46
CA VAL B 187 -14.64 8.12 15.12
C VAL B 187 -13.83 6.95 14.60
N VAL B 188 -12.51 7.02 14.76
CA VAL B 188 -11.64 5.95 14.29
C VAL B 188 -11.94 4.66 15.04
N MET B 189 -11.92 4.73 16.37
CA MET B 189 -12.05 3.51 17.17
C MET B 189 -13.40 2.84 16.92
N LYS B 190 -14.46 3.63 16.81
CA LYS B 190 -15.77 3.07 16.54
C LYS B 190 -15.80 2.45 15.15
N ALA B 191 -15.20 3.13 14.17
CA ALA B 191 -15.21 2.58 12.83
C ALA B 191 -14.37 1.32 12.74
N ALA B 192 -13.38 1.19 13.61
CA ALA B 192 -12.53 0.00 13.64
C ALA B 192 -13.19 -1.17 14.35
N GLY B 193 -14.38 -0.99 14.91
CA GLY B 193 -14.98 -2.04 15.71
C GLY B 193 -14.42 -2.20 17.10
N LEU B 194 -13.79 -1.16 17.65
CA LEU B 194 -13.20 -1.22 19.00
C LEU B 194 -13.71 -0.04 19.81
N PRO B 195 -15.02 -0.02 20.13
CA PRO B 195 -15.58 1.15 20.81
C PRO B 195 -15.16 1.28 22.26
N ASP B 196 -14.58 0.25 22.89
CA ASP B 196 -14.22 0.31 24.30
C ASP B 196 -12.70 0.44 24.43
N TYR B 197 -12.26 1.54 25.06
CA TYR B 197 -10.84 1.84 25.17
C TYR B 197 -10.65 2.90 26.25
N ASP B 198 -9.39 3.10 26.64
CA ASP B 198 -9.02 4.07 27.66
C ASP B 198 -8.09 5.12 27.08
N LEU B 199 -8.20 6.35 27.58
CA LEU B 199 -7.32 7.45 27.21
C LEU B 199 -6.36 7.73 28.36
N VAL B 200 -5.07 7.84 28.02
CA VAL B 200 -4.03 7.99 29.05
C VAL B 200 -3.06 9.13 28.73
N THR B 210 0.67 13.63 24.46
CA THR B 210 -0.37 14.40 25.10
C THR B 210 -1.50 13.42 25.45
N ILE B 211 -1.72 12.42 24.60
CA ILE B 211 -2.79 11.48 24.85
C ILE B 211 -2.49 10.13 24.20
N ASP B 212 -2.71 9.05 24.95
CA ASP B 212 -2.52 7.69 24.44
C ASP B 212 -3.84 6.93 24.54
N VAL B 213 -4.08 6.08 23.56
CA VAL B 213 -5.23 5.19 23.54
C VAL B 213 -4.74 3.80 23.88
N GLU B 214 -5.31 3.19 24.92
CA GLU B 214 -4.93 1.85 25.33
C GLU B 214 -6.16 0.96 25.39
N ILE B 215 -5.96 -0.32 25.12
CA ILE B 215 -6.95 -1.34 25.35
C ILE B 215 -6.29 -2.43 26.19
N ASN B 216 -6.76 -2.60 27.42
CA ASN B 216 -6.18 -3.54 28.38
C ASN B 216 -4.67 -3.33 28.50
N GLY B 217 -4.25 -2.06 28.58
CA GLY B 217 -2.85 -1.71 28.76
C GLY B 217 -2.01 -1.67 27.50
N GLN B 218 -2.52 -2.15 26.36
CA GLN B 218 -1.76 -2.12 25.11
C GLN B 218 -2.04 -0.81 24.38
N GLU B 219 -0.99 -0.02 24.16
CA GLU B 219 -1.13 1.22 23.41
C GLU B 219 -1.40 0.92 21.94
N VAL B 220 -2.44 1.55 21.41
CA VAL B 220 -2.81 1.41 20.01
C VAL B 220 -2.79 2.74 19.27
N CYS B 221 -2.70 3.85 19.98
CA CYS B 221 -2.68 5.17 19.35
C CYS B 221 -1.96 6.16 20.27
N SER B 222 -1.20 7.06 19.66
CA SER B 222 -0.63 8.22 20.36
C SER B 222 -1.08 9.47 19.62
N ALA B 223 -1.63 10.42 20.37
CA ALA B 223 -2.21 11.62 19.78
C ALA B 223 -1.75 12.83 20.56
N ALA B 224 -1.82 14.00 19.92
CA ALA B 224 -1.45 15.20 20.65
C ALA B 224 -2.06 16.43 20.02
N VAL B 225 -2.30 17.43 20.87
CA VAL B 225 -2.71 18.76 20.45
C VAL B 225 -1.49 19.67 20.48
N GLY B 226 -1.32 20.46 19.43
CA GLY B 226 -0.40 21.58 19.41
C GLY B 226 0.98 21.29 19.96
N PRO B 227 1.90 20.87 19.08
CA PRO B 227 3.32 20.71 19.42
C PRO B 227 3.97 21.99 19.96
N ASP B 235 8.48 32.66 13.34
CA ASP B 235 8.11 31.31 13.76
C ASP B 235 6.68 31.26 14.26
N VAL B 236 5.73 31.59 13.39
CA VAL B 236 4.30 31.58 13.72
C VAL B 236 3.66 30.35 13.12
N HIS B 237 2.79 29.70 13.88
CA HIS B 237 2.22 28.41 13.51
C HIS B 237 0.71 28.48 13.66
N GLU B 238 0.02 27.54 13.06
CA GLU B 238 -1.41 27.43 13.26
C GLU B 238 -1.72 26.35 14.28
N PRO B 239 -2.88 26.42 14.95
CA PRO B 239 -3.28 25.30 15.81
C PRO B 239 -3.34 24.00 15.02
N THR B 240 -2.79 22.95 15.60
CA THR B 240 -2.77 21.65 14.93
CA THR B 240 -2.79 21.66 14.92
C THR B 240 -2.90 20.55 15.96
N SER B 241 -3.44 19.43 15.53
CA SER B 241 -3.50 18.22 16.34
C SER B 241 -3.34 17.04 15.41
N GLY B 242 -3.02 15.89 15.99
CA GLY B 242 -2.85 14.70 15.19
C GLY B 242 -2.97 13.47 16.06
N ALA B 243 -3.27 12.35 15.41
CA ALA B 243 -3.35 11.04 16.05
C ALA B 243 -2.77 9.99 15.12
N GLY B 244 -2.01 9.06 15.69
CA GLY B 244 -1.42 7.97 14.96
C GLY B 244 -1.81 6.63 15.55
N PHE B 245 -2.36 5.74 14.73
CA PHE B 245 -2.85 4.44 15.15
C PHE B 245 -2.02 3.35 14.48
N GLY B 246 -1.77 2.26 15.20
CA GLY B 246 -1.17 1.09 14.58
C GLY B 246 -2.26 0.12 14.15
N LEU B 247 -2.44 -0.04 12.84
CA LEU B 247 -3.62 -0.76 12.38
C LEU B 247 -3.50 -2.27 12.59
N GLU B 248 -2.30 -2.84 12.45
CA GLU B 248 -2.16 -4.26 12.77
C GLU B 248 -2.49 -4.51 14.24
N ARG B 249 -2.09 -3.60 15.14
CA ARG B 249 -2.42 -3.76 16.55
C ARG B 249 -3.92 -3.75 16.78
N LEU B 250 -4.63 -2.79 16.16
CA LEU B 250 -6.08 -2.75 16.25
C LEU B 250 -6.70 -4.06 15.76
N LEU B 251 -6.26 -4.53 14.59
CA LEU B 251 -6.84 -5.74 14.01
C LEU B 251 -6.58 -6.94 14.91
N THR B 252 -5.36 -7.04 15.42
CA THR B 252 -4.98 -8.15 16.30
C THR B 252 -5.89 -8.19 17.53
N ILE B 253 -6.12 -7.04 18.14
CA ILE B 253 -6.95 -6.99 19.34
C ILE B 253 -8.39 -7.37 19.00
N ARG B 254 -8.92 -6.83 17.91
CA ARG B 254 -10.32 -7.04 17.58
C ARG B 254 -10.60 -8.49 17.23
N GLU B 255 -9.72 -9.11 16.44
CA GLU B 255 -9.91 -10.49 16.02
C GLU B 255 -9.35 -11.49 17.02
N LYS B 256 -8.74 -11.03 18.12
CA LYS B 256 -8.20 -11.90 19.16
C LYS B 256 -7.18 -12.87 18.58
N TYR B 257 -6.30 -12.37 17.71
CA TYR B 257 -5.17 -13.17 17.24
C TYR B 257 -4.10 -13.19 18.34
N SER B 258 -3.40 -14.33 18.45
CA SER B 258 -2.52 -14.53 19.61
C SER B 258 -1.15 -13.88 19.45
N THR B 259 -0.82 -13.42 18.24
CA THR B 259 0.35 -12.59 18.01
C THR B 259 0.00 -11.51 17.00
N VAL B 260 0.82 -10.45 16.99
CA VAL B 260 0.58 -9.34 16.07
C VAL B 260 1.05 -9.61 14.66
N LYS B 261 1.54 -10.82 14.38
CA LYS B 261 2.13 -11.14 13.07
C LYS B 261 1.16 -11.85 12.14
N LYS B 262 -0.11 -12.00 12.53
CA LYS B 262 -1.01 -12.84 11.76
C LYS B 262 -2.01 -12.08 10.91
N GLY B 263 -2.29 -10.81 11.23
CA GLY B 263 -3.35 -10.11 10.54
C GLY B 263 -2.92 -9.18 9.42
N GLY B 264 -1.63 -8.88 9.37
CA GLY B 264 -1.14 -7.93 8.38
C GLY B 264 -0.39 -8.61 7.26
N ALA B 265 0.59 -7.92 6.70
CA ALA B 265 1.37 -8.47 5.61
C ALA B 265 2.25 -9.60 6.12
N SER B 266 2.32 -10.67 5.32
CA SER B 266 3.04 -11.88 5.72
C SER B 266 3.11 -12.84 4.54
N ILE B 267 4.13 -13.71 4.55
CA ILE B 267 4.14 -14.88 3.70
C ILE B 267 3.97 -16.17 4.50
N SER B 268 3.67 -16.08 5.80
CA SER B 268 3.31 -17.23 6.65
C SER B 268 1.87 -17.23 7.11
N TYR B 269 1.28 -16.06 7.32
CA TYR B 269 -0.09 -15.96 7.80
C TYR B 269 -0.94 -15.26 6.73
N LEU B 270 -2.22 -15.62 6.72
CA LEU B 270 -3.23 -14.95 5.90
C LEU B 270 -4.49 -14.78 6.75
N ASN B 271 -4.82 -13.54 7.10
CA ASN B 271 -6.03 -13.26 7.86
C ASN B 271 -6.16 -14.17 9.08
N GLY B 272 -5.06 -14.30 9.82
CA GLY B 272 -5.05 -14.99 11.11
C GLY B 272 -4.65 -16.45 11.07
N ALA B 273 -4.60 -17.04 9.89
CA ALA B 273 -4.38 -18.47 9.70
C ALA B 273 -2.99 -18.66 9.12
N LYS B 274 -2.30 -19.68 9.62
CA LYS B 274 -0.96 -20.02 9.13
C LYS B 274 -1.08 -20.88 7.89
N ILE B 275 -0.39 -20.51 6.81
CA ILE B 275 -0.58 -21.19 5.52
C ILE B 275 0.47 -22.26 5.26
N ASN B 276 1.50 -22.36 6.09
CA ASN B 276 2.60 -23.31 5.92
C ASN B 276 2.79 -24.09 7.23
#